data_8R47
#
_entry.id   8R47
#
_cell.length_a   1.00
_cell.length_b   1.00
_cell.length_c   1.00
_cell.angle_alpha   90.00
_cell.angle_beta   90.00
_cell.angle_gamma   90.00
#
_symmetry.space_group_name_H-M   'P 1'
#
_entity_poly.entity_id   1
_entity_poly.type   'polypeptide(L)'
_entity_poly.pdbx_seq_one_letter_code
;LTQDPAVSVPLGQTVRITCQGDSLRTYYGNWYQQKPGQAPLLVIYAENKRPSGIPDRFSGSISGNTASLTITGAQAEDEA
DYFCNSRDTTGNLWVFGGGTKLTVLGQPKAAPS
;
_entity_poly.pdbx_strand_id   A,B,C,D,E,F
#
# COMPACT_ATOMS: atom_id res chain seq x y z
N PRO A 10 23.01 5.62 -22.19
CA PRO A 10 22.62 6.07 -20.85
C PRO A 10 21.76 5.03 -20.12
N LEU A 11 22.32 4.39 -19.11
CA LEU A 11 21.55 3.43 -18.34
C LEU A 11 21.40 4.04 -16.97
N GLY A 12 20.27 3.87 -16.29
CA GLY A 12 20.22 4.23 -14.87
C GLY A 12 19.08 3.50 -14.21
N GLN A 13 19.23 3.21 -12.93
CA GLN A 13 18.31 2.40 -12.12
C GLN A 13 17.88 3.26 -10.93
N THR A 14 16.63 3.73 -10.90
CA THR A 14 16.10 4.65 -9.91
C THR A 14 15.08 3.95 -9.05
N VAL A 15 15.21 4.09 -7.73
CA VAL A 15 14.22 3.62 -6.77
C VAL A 15 13.85 4.82 -5.92
N ARG A 16 12.61 5.28 -5.98
CA ARG A 16 12.11 6.40 -5.14
C ARG A 16 11.09 5.80 -4.19
N ILE A 17 11.32 5.76 -2.88
CA ILE A 17 10.31 5.28 -1.89
C ILE A 17 10.04 6.41 -0.91
N THR A 18 8.85 6.99 -0.84
CA THR A 18 8.61 8.15 0.07
C THR A 18 8.61 7.68 1.53
N CYS A 19 7.99 6.57 1.89
CA CYS A 19 7.99 6.02 3.27
C CYS A 19 8.32 4.53 3.15
N GLN A 20 9.25 3.95 3.90
CA GLN A 20 9.47 2.49 3.92
C GLN A 20 8.74 2.00 5.15
N GLY A 21 8.08 2.91 5.88
CA GLY A 21 7.52 2.57 7.18
C GLY A 21 6.04 2.75 7.35
N ASP A 22 5.54 2.32 8.49
CA ASP A 22 4.16 2.37 8.93
C ASP A 22 3.81 3.80 9.34
N SER A 23 2.67 4.32 8.90
CA SER A 23 2.28 5.74 9.12
C SER A 23 0.94 5.80 9.87
N LEU A 24 0.90 6.22 11.13
CA LEU A 24 -0.34 6.23 11.95
C LEU A 24 -0.60 7.60 12.57
N ARG A 25 -1.85 7.97 12.84
CA ARG A 25 -2.14 9.21 13.60
C ARG A 25 -2.15 8.83 15.09
N THR A 26 -2.70 7.67 15.48
CA THR A 26 -2.81 7.26 16.87
C THR A 26 -2.56 5.77 16.99
N TYR A 27 -1.71 5.39 17.96
CA TYR A 27 -1.49 3.99 18.29
C TYR A 27 -1.56 3.86 19.81
N TYR A 28 -2.52 3.08 20.29
CA TYR A 28 -2.62 2.69 21.70
C TYR A 28 -2.42 1.18 21.76
N GLY A 29 -1.39 0.77 22.48
CA GLY A 29 -1.16 -0.64 22.73
C GLY A 29 0.25 -1.08 22.60
N ASN A 30 0.45 -2.36 22.40
CA ASN A 30 1.77 -2.98 22.38
C ASN A 30 2.12 -3.39 20.95
N TRP A 31 3.34 -3.10 20.54
CA TRP A 31 3.81 -3.34 19.18
C TRP A 31 5.08 -4.20 19.24
N TYR A 32 4.94 -5.47 18.85
CA TYR A 32 6.10 -6.35 18.68
C TYR A 32 6.51 -6.32 17.21
N GLN A 33 7.71 -5.82 16.95
CA GLN A 33 8.12 -5.50 15.59
C GLN A 33 9.50 -6.09 15.31
N GLN A 34 9.58 -6.86 14.23
CA GLN A 34 10.84 -7.43 13.75
C GLN A 34 10.97 -7.04 12.28
N LYS A 35 11.81 -6.05 12.00
CA LYS A 35 12.03 -5.54 10.65
C LYS A 35 13.53 -5.52 10.40
N PRO A 36 14.11 -6.67 10.12
CA PRO A 36 15.56 -6.76 9.89
C PRO A 36 16.12 -5.75 8.90
N GLY A 37 15.61 -5.72 7.67
CA GLY A 37 16.30 -5.08 6.55
C GLY A 37 15.61 -3.81 6.07
N GLN A 38 16.35 -2.70 6.14
CA GLN A 38 15.95 -1.47 5.48
C GLN A 38 17.14 -0.83 4.76
N ALA A 39 18.05 -1.64 4.24
CA ALA A 39 19.34 -1.18 3.68
C ALA A 39 19.38 -1.22 2.16
N PRO A 40 19.32 -0.08 1.43
CA PRO A 40 19.46 -0.13 -0.03
C PRO A 40 20.87 -0.59 -0.38
N LEU A 41 20.98 -1.65 -1.12
CA LEU A 41 22.30 -2.20 -1.53
C LEU A 41 22.42 -1.75 -2.99
N LEU A 42 23.43 -0.90 -3.38
CA LEU A 42 23.66 -0.42 -4.78
C LEU A 42 24.97 -1.06 -5.22
N VAL A 43 24.96 -2.07 -6.09
CA VAL A 43 26.19 -2.82 -6.51
C VAL A 43 26.31 -2.90 -8.04
N ILE A 44 27.26 -2.20 -8.65
CA ILE A 44 27.42 -2.19 -10.13
C ILE A 44 27.90 -3.51 -10.71
N TYR A 45 28.86 -4.16 -10.07
CA TYR A 45 29.35 -5.49 -10.48
C TYR A 45 29.36 -6.30 -9.20
N ALA A 46 28.73 -7.48 -9.19
CA ALA A 46 28.70 -8.35 -8.00
C ALA A 46 29.31 -9.71 -8.34
N PHE A 58 19.05 -13.92 10.94
CA PHE A 58 18.22 -13.20 11.92
C PHE A 58 17.55 -14.26 12.80
N SER A 59 18.22 -14.68 13.87
CA SER A 59 17.65 -15.62 14.87
C SER A 59 17.20 -14.76 16.05
N GLY A 60 16.92 -13.47 15.81
CA GLY A 60 16.52 -12.53 16.88
C GLY A 60 15.15 -12.92 17.39
N SER A 61 14.94 -12.82 18.72
CA SER A 61 13.67 -13.21 19.37
C SER A 61 13.15 -12.13 20.32
N ILE A 62 11.84 -11.88 20.39
CA ILE A 62 11.20 -11.00 21.40
C ILE A 62 10.45 -12.05 22.23
N SER A 63 10.86 -12.43 23.45
CA SER A 63 10.25 -13.59 24.17
C SER A 63 10.05 -13.47 25.69
N GLY A 64 8.83 -13.64 26.21
CA GLY A 64 8.59 -13.69 27.67
C GLY A 64 8.36 -12.32 28.29
N ASN A 65 8.23 -11.28 27.48
CA ASN A 65 8.01 -9.90 27.95
C ASN A 65 6.57 -9.73 28.41
N THR A 66 6.33 -9.02 29.51
CA THR A 66 4.97 -8.70 30.02
C THR A 66 4.65 -7.23 29.79
N ALA A 67 3.52 -6.91 29.18
CA ALA A 67 3.11 -5.57 28.80
C ALA A 67 1.73 -5.25 29.38
N SER A 68 1.63 -4.36 30.37
CA SER A 68 0.34 -4.03 31.04
C SER A 68 -0.02 -2.58 30.73
N LEU A 69 -1.10 -2.35 30.08
CA LEU A 69 -1.48 -0.98 29.66
C LEU A 69 -2.91 -0.63 30.07
N THR A 70 -3.16 0.61 30.52
CA THR A 70 -4.53 1.12 30.85
C THR A 70 -4.63 2.62 30.56
N ILE A 71 -5.40 3.06 29.56
CA ILE A 71 -5.65 4.51 29.25
C ILE A 71 -7.08 4.82 29.67
N THR A 72 -7.34 5.61 30.72
CA THR A 72 -8.69 5.79 31.29
C THR A 72 -9.32 7.05 30.75
N GLY A 73 -8.57 8.14 30.76
CA GLY A 73 -9.03 9.41 30.22
C GLY A 73 -8.13 9.76 29.08
N ALA A 74 -8.68 9.92 27.88
CA ALA A 74 -7.89 10.39 26.74
C ALA A 74 -8.80 11.35 26.00
N GLN A 75 -8.32 12.53 25.68
CA GLN A 75 -9.05 13.47 24.81
C GLN A 75 -7.98 13.87 23.83
N ALA A 76 -8.25 13.85 22.54
CA ALA A 76 -7.23 14.17 21.52
C ALA A 76 -8.00 15.03 20.54
N GLU A 77 -8.07 16.35 20.75
CA GLU A 77 -8.66 17.27 19.75
C GLU A 77 -7.46 17.70 18.91
N ASP A 78 -7.09 16.94 17.89
CA ASP A 78 -5.86 17.23 17.13
C ASP A 78 -6.20 17.84 15.78
N GLU A 79 -5.21 18.41 15.11
CA GLU A 79 -5.37 19.05 13.81
C GLU A 79 -4.90 18.08 12.72
N ALA A 80 -4.95 18.52 11.48
CA ALA A 80 -4.69 17.62 10.36
C ALA A 80 -3.24 17.15 10.25
N ASP A 81 -3.09 15.95 9.67
CA ASP A 81 -1.79 15.31 9.49
C ASP A 81 -1.48 15.21 8.00
N TYR A 82 -0.24 15.51 7.64
CA TYR A 82 0.24 15.43 6.26
C TYR A 82 1.44 14.50 6.25
N PHE A 83 1.23 13.24 5.88
CA PHE A 83 2.28 12.22 5.91
C PHE A 83 2.65 11.82 4.49
N CYS A 84 3.94 11.77 4.16
CA CYS A 84 4.46 11.21 2.87
C CYS A 84 3.83 11.89 1.64
N ASN A 85 3.45 13.17 1.68
CA ASN A 85 2.94 13.93 0.50
C ASN A 85 4.12 14.63 -0.15
N SER A 86 5.02 13.91 -0.83
CA SER A 86 6.28 14.47 -1.38
C SER A 86 6.01 15.38 -2.58
N ARG A 87 6.98 16.18 -3.02
CA ARG A 87 6.91 17.02 -4.25
C ARG A 87 8.24 16.86 -5.00
N ASP A 88 9.00 15.81 -4.75
CA ASP A 88 10.37 15.64 -5.32
C ASP A 88 10.44 15.55 -6.83
N THR A 89 11.65 15.67 -7.36
CA THR A 89 11.94 15.44 -8.78
C THR A 89 13.17 14.55 -8.73
N THR A 90 13.01 13.24 -8.91
CA THR A 90 14.14 12.29 -8.75
C THR A 90 14.50 11.65 -10.08
N GLY A 91 15.74 11.18 -10.27
CA GLY A 91 16.12 10.37 -11.43
C GLY A 91 17.60 10.22 -11.58
N ASN A 92 18.10 10.03 -12.79
CA ASN A 92 19.54 9.90 -13.09
C ASN A 92 19.82 10.99 -14.12
N LEU A 93 21.07 11.28 -14.44
CA LEU A 93 21.45 12.24 -15.50
C LEU A 93 20.66 13.55 -15.25
N TRP A 94 19.94 14.16 -16.22
CA TRP A 94 19.41 15.52 -16.14
C TRP A 94 18.09 15.56 -15.37
N VAL A 95 18.13 16.22 -14.21
CA VAL A 95 16.96 16.35 -13.35
C VAL A 95 16.73 17.81 -13.04
N PHE A 96 15.57 18.35 -13.36
CA PHE A 96 15.27 19.80 -13.14
C PHE A 96 14.12 19.79 -12.16
N GLY A 97 14.29 20.24 -10.93
CA GLY A 97 13.22 20.13 -9.92
C GLY A 97 12.55 21.44 -9.60
N GLY A 98 11.33 21.41 -9.06
CA GLY A 98 10.51 22.58 -8.66
C GLY A 98 10.06 23.39 -9.85
N GLY A 99 9.80 24.68 -9.66
CA GLY A 99 9.42 25.58 -10.77
C GLY A 99 10.64 26.10 -11.47
N THR A 100 11.42 25.18 -12.06
CA THR A 100 12.65 25.54 -12.80
C THR A 100 12.20 26.33 -14.02
N LYS A 101 12.54 27.61 -14.11
CA LYS A 101 12.24 28.41 -15.31
C LYS A 101 13.45 28.25 -16.22
N LEU A 102 13.30 27.51 -17.32
CA LEU A 102 14.42 27.22 -18.25
C LEU A 102 14.17 27.92 -19.57
N THR A 103 15.20 28.49 -20.20
CA THR A 103 15.10 29.18 -21.51
C THR A 103 16.35 28.83 -22.34
N PRO B 10 19.10 4.21 -24.70
CA PRO B 10 18.72 4.62 -23.35
C PRO B 10 17.88 3.56 -22.63
N LEU B 11 18.47 2.92 -21.64
CA LEU B 11 17.72 1.92 -20.87
C LEU B 11 17.58 2.51 -19.48
N GLY B 12 16.46 2.32 -18.80
CA GLY B 12 16.41 2.64 -17.38
C GLY B 12 15.30 1.89 -16.72
N GLN B 13 15.46 1.58 -15.45
CA GLN B 13 14.56 0.73 -14.64
C GLN B 13 14.12 1.57 -13.43
N THR B 14 12.89 2.03 -13.37
CA THR B 14 12.35 2.93 -12.36
C THR B 14 11.34 2.18 -11.50
N VAL B 15 11.50 2.31 -10.18
CA VAL B 15 10.53 1.80 -9.22
C VAL B 15 10.15 2.99 -8.34
N ARG B 16 8.91 3.43 -8.38
CA ARG B 16 8.40 4.53 -7.51
C ARG B 16 7.40 3.90 -6.56
N ILE B 17 7.65 3.84 -5.25
CA ILE B 17 6.66 3.32 -4.26
C ILE B 17 6.38 4.43 -3.25
N THR B 18 5.18 5.00 -3.16
CA THR B 18 4.94 6.13 -2.24
C THR B 18 4.97 5.64 -0.77
N CYS B 19 4.36 4.50 -0.43
CA CYS B 19 4.39 3.95 0.94
C CYS B 19 4.73 2.45 0.79
N GLN B 20 5.68 1.88 1.52
CA GLN B 20 5.92 0.41 1.51
C GLN B 20 5.21 -0.10 2.74
N GLY B 21 4.54 0.78 3.48
CA GLY B 21 4.01 0.41 4.79
C GLY B 21 2.52 0.57 4.98
N ASP B 22 2.05 0.11 6.11
CA ASP B 22 0.66 0.13 6.57
C ASP B 22 0.31 1.55 7.02
N SER B 23 -0.84 2.08 6.60
CA SER B 23 -1.26 3.47 6.86
C SER B 23 -2.59 3.51 7.62
N LEU B 24 -2.60 3.90 8.89
CA LEU B 24 -3.85 3.88 9.72
C LEU B 24 -4.11 5.24 10.36
N ARG B 25 -5.36 5.59 10.67
CA ARG B 25 -5.65 6.81 11.45
C ARG B 25 -5.64 6.39 12.93
N THR B 26 -6.17 5.23 13.31
CA THR B 26 -6.26 4.80 14.69
C THR B 26 -5.99 3.30 14.78
N TYR B 27 -5.13 2.92 15.72
CA TYR B 27 -4.88 1.51 16.04
C TYR B 27 -4.94 1.35 17.55
N TYR B 28 -5.89 0.54 18.02
CA TYR B 28 -5.97 0.13 19.42
C TYR B 28 -5.73 -1.38 19.46
N GLY B 29 -4.69 -1.78 20.16
CA GLY B 29 -4.46 -3.21 20.37
C GLY B 29 -3.04 -3.62 20.22
N ASN B 30 -2.83 -4.91 19.99
CA ASN B 30 -1.49 -5.50 19.94
C ASN B 30 -1.16 -5.89 18.51
N TRP B 31 0.06 -5.56 18.08
CA TRP B 31 0.51 -5.77 16.71
C TRP B 31 1.78 -6.62 16.74
N TYR B 32 1.66 -7.88 16.33
CA TYR B 32 2.81 -8.75 16.13
C TYR B 32 3.21 -8.68 14.66
N GLN B 33 4.41 -8.17 14.39
CA GLN B 33 4.81 -7.81 13.03
C GLN B 33 6.18 -8.39 12.72
N GLN B 34 6.25 -9.13 11.62
CA GLN B 34 7.52 -9.67 11.12
C GLN B 34 7.63 -9.26 9.66
N LYS B 35 8.46 -8.25 9.38
CA LYS B 35 8.64 -7.70 8.04
C LYS B 35 10.15 -7.67 7.78
N PRO B 36 10.74 -8.81 7.47
CA PRO B 36 12.19 -8.88 7.22
C PRO B 36 12.72 -7.84 6.24
N GLY B 37 12.19 -7.80 5.03
CA GLY B 37 12.85 -7.13 3.90
C GLY B 37 12.15 -5.86 3.46
N GLN B 38 12.88 -4.74 3.54
CA GLN B 38 12.45 -3.49 2.90
C GLN B 38 13.63 -2.82 2.19
N ALA B 39 14.54 -3.62 1.63
CA ALA B 39 15.82 -3.13 1.08
C ALA B 39 15.84 -3.14 -0.45
N PRO B 40 15.75 -1.99 -1.16
CA PRO B 40 15.89 -2.00 -2.61
C PRO B 40 17.30 -2.45 -2.99
N LEU B 41 17.41 -3.49 -3.75
CA LEU B 41 18.73 -4.02 -4.19
C LEU B 41 18.83 -3.54 -5.64
N LEU B 42 19.83 -2.68 -6.03
CA LEU B 42 20.03 -2.16 -7.41
C LEU B 42 21.35 -2.78 -7.88
N VAL B 43 21.33 -3.78 -8.78
CA VAL B 43 22.58 -4.49 -9.23
C VAL B 43 22.67 -4.54 -10.76
N ILE B 44 23.61 -3.83 -11.36
CA ILE B 44 23.75 -3.78 -12.85
C ILE B 44 24.23 -5.09 -13.45
N TYR B 45 25.21 -5.73 -12.84
CA TYR B 45 25.71 -7.05 -13.28
C TYR B 45 25.75 -7.89 -12.02
N ALA B 46 25.13 -9.07 -12.02
CA ALA B 46 25.12 -9.96 -10.85
C ALA B 46 25.75 -11.31 -11.23
N PHE B 58 15.76 -16.02 8.09
CA PHE B 58 14.94 -15.33 9.10
C PHE B 58 14.30 -16.40 9.96
N SER B 59 14.98 -16.83 11.02
CA SER B 59 14.43 -17.81 12.01
C SER B 59 13.98 -16.97 13.20
N GLY B 60 13.70 -15.68 13.00
CA GLY B 60 13.28 -14.76 14.08
C GLY B 60 11.94 -15.17 14.61
N SER B 61 11.74 -15.11 15.94
CA SER B 61 10.48 -15.52 16.60
C SER B 61 9.96 -14.47 17.58
N ILE B 62 8.66 -14.25 17.66
CA ILE B 62 8.01 -13.39 18.69
C ILE B 62 7.29 -14.46 19.51
N SER B 63 7.72 -14.86 20.73
CA SER B 63 7.13 -16.04 21.42
C SER B 63 6.95 -15.96 22.95
N GLY B 64 5.74 -16.15 23.48
CA GLY B 64 5.51 -16.23 24.95
C GLY B 64 5.27 -14.88 25.59
N ASN B 65 5.12 -13.81 24.80
CA ASN B 65 4.88 -12.45 25.31
C ASN B 65 3.46 -12.31 25.80
N THR B 66 3.21 -11.62 26.89
CA THR B 66 1.86 -11.32 27.43
C THR B 66 1.53 -9.86 27.24
N ALA B 67 0.38 -9.54 26.66
CA ALA B 67 -0.05 -8.19 26.30
C ALA B 67 -1.42 -7.91 26.90
N SER B 68 -1.52 -7.04 27.91
CA SER B 68 -2.81 -6.73 28.60
C SER B 68 -3.18 -5.28 28.32
N LEU B 69 -4.28 -5.05 27.69
CA LEU B 69 -4.69 -3.68 27.29
C LEU B 69 -6.11 -3.35 27.73
N THR B 70 -6.37 -2.12 28.21
CA THR B 70 -7.73 -1.64 28.57
C THR B 70 -7.87 -0.13 28.32
N ILE B 71 -8.65 0.32 27.32
CA ILE B 71 -8.92 1.77 27.04
C ILE B 71 -10.35 2.06 27.49
N THR B 72 -10.59 2.82 28.56
CA THR B 72 -11.96 2.97 29.15
C THR B 72 -12.59 4.24 28.64
N GLY B 73 -11.85 5.33 28.65
CA GLY B 73 -12.35 6.62 28.16
C GLY B 73 -11.46 6.99 27.00
N ALA B 74 -12.02 7.17 25.82
CA ALA B 74 -11.26 7.67 24.67
C ALA B 74 -12.18 8.63 23.97
N GLN B 75 -11.72 9.82 23.67
CA GLN B 75 -12.48 10.77 22.82
C GLN B 75 -11.42 11.20 21.84
N ALA B 76 -11.70 11.20 20.56
CA ALA B 76 -10.71 11.56 19.53
C ALA B 76 -11.49 12.43 18.57
N GLU B 77 -11.58 13.74 18.81
CA GLU B 77 -12.19 14.68 17.83
C GLU B 77 -11.01 15.13 16.99
N ASP B 78 -10.64 14.40 15.95
CA ASP B 78 -9.42 14.71 15.18
C ASP B 78 -9.78 15.35 13.84
N GLU B 79 -8.81 15.95 13.18
CA GLU B 79 -8.99 16.61 11.90
C GLU B 79 -8.53 15.67 10.78
N ALA B 80 -8.60 16.13 9.55
CA ALA B 80 -8.34 15.26 8.41
C ALA B 80 -6.89 14.79 8.27
N ASP B 81 -6.73 13.62 7.67
CA ASP B 81 -5.43 12.98 7.46
C ASP B 81 -5.13 12.93 5.97
N TYR B 82 -3.90 13.25 5.59
CA TYR B 82 -3.44 13.19 4.21
C TYR B 82 -2.22 12.28 4.16
N PHE B 83 -2.42 11.03 3.77
CA PHE B 83 -1.37 10.02 3.77
C PHE B 83 -1.00 9.64 2.34
N CYS B 84 0.29 9.62 1.99
CA CYS B 84 0.79 9.09 0.68
C CYS B 84 0.14 9.79 -0.53
N ASN B 85 -0.25 11.07 -0.46
CA ASN B 85 -0.79 11.84 -1.61
C ASN B 85 0.39 12.57 -2.27
N SER B 86 1.27 11.86 -2.97
CA SER B 86 2.52 12.46 -3.52
C SER B 86 2.23 13.39 -4.70
N ARG B 87 3.19 14.22 -5.14
CA ARG B 87 3.09 15.06 -6.35
C ARG B 87 4.40 14.94 -7.13
N ASP B 88 5.19 13.90 -6.90
CA ASP B 88 6.55 13.76 -7.49
C ASP B 88 6.60 13.69 -9.01
N THR B 89 7.81 13.83 -9.54
CA THR B 89 8.09 13.64 -10.98
C THR B 89 9.31 12.75 -10.96
N THR B 90 9.17 11.45 -11.16
CA THR B 90 10.32 10.51 -11.03
C THR B 90 10.66 9.90 -12.38
N GLY B 91 11.92 9.45 -12.60
CA GLY B 91 12.29 8.67 -13.77
C GLY B 91 13.77 8.54 -13.94
N ASN B 92 14.25 8.38 -15.17
CA ASN B 92 15.70 8.27 -15.48
C ASN B 92 15.95 9.38 -16.49
N LEU B 93 17.20 9.68 -16.81
CA LEU B 93 17.54 10.68 -17.86
C LEU B 93 16.74 11.98 -17.57
N TRP B 94 16.01 12.59 -18.53
CA TRP B 94 15.45 13.94 -18.42
C TRP B 94 14.16 13.95 -17.63
N VAL B 95 14.19 14.59 -16.46
CA VAL B 95 13.04 14.68 -15.58
C VAL B 95 12.79 16.15 -15.24
N PHE B 96 11.63 16.69 -15.54
CA PHE B 96 11.30 18.11 -15.28
C PHE B 96 10.16 18.07 -14.30
N GLY B 97 10.35 18.50 -13.06
CA GLY B 97 9.30 18.37 -12.03
C GLY B 97 8.61 19.65 -11.68
N GLY B 98 7.40 19.62 -11.14
CA GLY B 98 6.57 20.75 -10.69
C GLY B 98 6.10 21.59 -11.87
N GLY B 99 5.82 22.87 -11.65
CA GLY B 99 5.41 23.78 -12.73
C GLY B 99 6.64 24.33 -13.44
N THR B 100 7.41 23.43 -14.05
CA THR B 100 8.62 23.82 -14.81
C THR B 100 8.15 24.63 -16.00
N LYS B 101 8.48 25.91 -16.06
CA LYS B 101 8.15 26.73 -17.24
C LYS B 101 9.35 26.60 -18.18
N LEU B 102 9.20 25.90 -19.30
CA LEU B 102 10.32 25.62 -20.23
C LEU B 102 10.04 26.35 -21.55
N THR B 103 11.05 26.95 -22.17
CA THR B 103 10.93 27.66 -23.47
C THR B 103 12.16 27.33 -24.32
N PRO C 10 15.18 2.79 -27.19
CA PRO C 10 14.81 3.19 -25.82
C PRO C 10 14.00 2.10 -25.11
N LEU C 11 14.60 1.44 -24.14
CA LEU C 11 13.86 0.42 -23.39
C LEU C 11 13.74 0.97 -22.00
N GLY C 12 12.63 0.76 -21.30
CA GLY C 12 12.60 1.06 -19.88
C GLY C 12 11.50 0.28 -19.22
N GLN C 13 11.68 -0.04 -17.94
CA GLN C 13 10.80 -0.92 -17.14
C GLN C 13 10.37 -0.11 -15.92
N THR C 14 9.12 0.32 -15.84
CA THR C 14 8.60 1.20 -14.79
C THR C 14 7.61 0.43 -13.94
N VAL C 15 7.78 0.52 -12.63
CA VAL C 15 6.83 -0.01 -11.65
C VAL C 15 6.44 1.15 -10.75
N ARG C 16 5.18 1.58 -10.76
CA ARG C 16 4.68 2.67 -9.87
C ARG C 16 3.70 2.01 -8.92
N ILE C 17 3.96 1.92 -7.62
CA ILE C 17 3.00 1.38 -6.63
C ILE C 17 2.71 2.46 -5.59
N THR C 18 1.51 3.01 -5.48
CA THR C 18 1.27 4.12 -4.52
C THR C 18 1.31 3.61 -3.07
N CYS C 19 0.73 2.45 -2.75
CA CYS C 19 0.78 1.86 -1.39
C CYS C 19 1.14 0.38 -1.57
N GLN C 20 2.11 -0.19 -0.86
CA GLN C 20 2.36 -1.65 -0.90
C GLN C 20 1.68 -2.21 0.32
N GLY C 21 1.01 -1.35 1.10
CA GLY C 21 0.49 -1.74 2.40
C GLY C 21 -0.99 -1.60 2.61
N ASP C 22 -1.45 -2.10 3.74
CA ASP C 22 -2.83 -2.09 4.21
C ASP C 22 -3.19 -0.70 4.69
N SER C 23 -4.36 -0.17 4.30
CA SER C 23 -4.79 1.22 4.59
C SER C 23 -6.10 1.22 5.36
N LEU C 24 -6.11 1.59 6.65
CA LEU C 24 -7.34 1.54 7.49
C LEU C 24 -7.62 2.88 8.17
N ARG C 25 -8.86 3.21 8.49
CA ARG C 25 -9.16 4.42 9.30
C ARG C 25 -9.12 3.97 10.77
N THR C 26 -9.64 2.79 11.12
CA THR C 26 -9.71 2.33 12.50
C THR C 26 -9.41 0.83 12.56
N TYR C 27 -8.54 0.45 13.49
CA TYR C 27 -8.28 -0.97 13.76
C TYR C 27 -8.31 -1.15 15.28
N TYR C 28 -9.25 -1.98 15.75
CA TYR C 28 -9.30 -2.42 17.15
C TYR C 28 -9.06 -3.93 17.14
N GLY C 29 -8.00 -4.34 17.83
CA GLY C 29 -7.74 -5.75 18.00
C GLY C 29 -6.31 -6.16 17.83
N ASN C 30 -6.10 -7.43 17.58
CA ASN C 30 -4.76 -8.01 17.49
C ASN C 30 -4.44 -8.36 16.05
N TRP C 31 -3.23 -8.02 15.62
CA TRP C 31 -2.79 -8.20 14.24
C TRP C 31 -1.51 -9.04 14.24
N TYR C 32 -1.62 -10.29 13.80
CA TYR C 32 -0.46 -11.13 13.57
C TYR C 32 -0.08 -11.04 12.10
N GLN C 33 1.10 -10.50 11.82
CA GLN C 33 1.48 -10.11 10.48
C GLN C 33 2.85 -10.67 10.13
N GLN C 34 2.93 -11.39 9.02
CA GLN C 34 4.20 -11.91 8.50
C GLN C 34 4.29 -11.47 7.04
N LYS C 35 5.10 -10.44 6.78
CA LYS C 35 5.26 -9.87 5.44
C LYS C 35 6.75 -9.81 5.16
N PRO C 36 7.37 -10.94 4.82
CA PRO C 36 8.81 -10.98 4.55
C PRO C 36 9.31 -9.91 3.59
N GLY C 37 8.78 -9.85 2.37
CA GLY C 37 9.41 -9.16 1.26
C GLY C 37 8.69 -7.89 0.85
N GLN C 38 9.41 -6.77 0.94
CA GLN C 38 8.96 -5.52 0.34
C GLN C 38 10.11 -4.82 -0.38
N ALA C 39 11.03 -5.59 -0.96
CA ALA C 39 12.30 -5.07 -1.53
C ALA C 39 12.30 -5.05 -3.05
N PRO C 40 12.19 -3.90 -3.73
CA PRO C 40 12.30 -3.88 -5.19
C PRO C 40 13.72 -4.30 -5.60
N LEU C 41 13.83 -5.32 -6.38
CA LEU C 41 15.15 -5.82 -6.83
C LEU C 41 15.23 -5.31 -8.28
N LEU C 42 16.21 -4.43 -8.67
CA LEU C 42 16.39 -3.89 -10.05
C LEU C 42 17.71 -4.49 -10.55
N VAL C 43 17.71 -5.47 -11.46
CA VAL C 43 18.95 -6.15 -11.94
C VAL C 43 19.02 -6.18 -13.46
N ILE C 44 19.94 -5.43 -14.07
CA ILE C 44 20.06 -5.36 -15.55
C ILE C 44 20.55 -6.65 -16.19
N TYR C 45 21.55 -7.30 -15.61
CA TYR C 45 22.06 -8.60 -16.07
C TYR C 45 22.12 -9.45 -14.82
N ALA C 46 21.52 -10.65 -14.85
CA ALA C 46 21.53 -11.56 -13.68
C ALA C 46 22.18 -12.90 -14.10
N PHE C 58 12.47 -18.10 5.25
CA PHE C 58 11.66 -17.43 6.27
C PHE C 58 11.03 -18.53 7.12
N SER C 59 11.74 -18.98 8.16
CA SER C 59 11.21 -19.97 9.13
C SER C 59 10.76 -19.17 10.36
N GLY C 60 10.47 -17.87 10.18
CA GLY C 60 10.06 -16.99 11.28
C GLY C 60 8.72 -17.42 11.82
N SER C 61 8.53 -17.39 13.14
CA SER C 61 7.29 -17.83 13.82
C SER C 61 6.77 -16.81 14.83
N ILE C 62 5.46 -16.60 14.92
CA ILE C 62 4.82 -15.76 15.99
C ILE C 62 4.12 -16.86 16.78
N SER C 63 4.57 -17.27 17.99
CA SER C 63 4.00 -18.47 18.67
C SER C 63 3.84 -18.43 20.19
N GLY C 64 2.63 -18.63 20.74
CA GLY C 64 2.42 -18.75 22.21
C GLY C 64 2.18 -17.42 22.88
N ASN C 65 2.01 -16.35 22.12
CA ASN C 65 1.77 -14.98 22.65
C ASN C 65 0.33 -14.87 23.15
N THR C 66 0.10 -14.21 24.28
CA THR C 66 -1.25 -13.94 24.83
C THR C 66 -1.60 -12.47 24.68
N ALA C 67 -2.77 -12.16 24.10
CA ALA C 67 -3.20 -10.80 23.78
C ALA C 67 -4.57 -10.55 24.41
N SER C 68 -4.68 -9.70 25.43
CA SER C 68 -5.96 -9.42 26.14
C SER C 68 -6.36 -7.97 25.90
N LEU C 69 -7.45 -7.74 25.29
CA LEU C 69 -7.89 -6.37 24.92
C LEU C 69 -9.32 -6.07 25.38
N THR C 70 -9.57 -4.85 25.89
CA THR C 70 -10.94 -4.39 26.28
C THR C 70 -11.09 -2.88 26.04
N ILE C 71 -11.89 -2.42 25.07
CA ILE C 71 -12.18 -0.97 24.82
C ILE C 71 -13.62 -0.71 25.29
N THR C 72 -13.86 0.04 26.38
CA THR C 72 -15.20 0.15 26.99
C THR C 72 -15.87 1.43 26.50
N GLY C 73 -15.14 2.53 26.54
CA GLY C 73 -15.65 3.81 26.07
C GLY C 73 -14.79 4.23 24.92
N ALA C 74 -15.36 4.42 23.75
CA ALA C 74 -14.62 4.95 22.59
C ALA C 74 -15.57 5.91 21.92
N GLN C 75 -15.11 7.12 21.63
CA GLN C 75 -15.90 8.07 20.82
C GLN C 75 -14.85 8.53 19.83
N ALA C 76 -15.16 8.55 18.56
CA ALA C 76 -14.18 8.94 17.52
C ALA C 76 -14.98 9.83 16.59
N GLU C 77 -15.07 11.13 16.86
CA GLU C 77 -15.71 12.08 15.91
C GLU C 77 -14.54 12.56 15.06
N ASP C 78 -14.19 11.85 14.00
CA ASP C 78 -12.97 12.20 13.22
C ASP C 78 -13.36 12.86 11.90
N GLU C 79 -12.39 13.47 11.24
CA GLU C 79 -12.62 14.16 9.97
C GLU C 79 -12.15 13.25 8.82
N ALA C 80 -12.24 13.72 7.61
CA ALA C 80 -11.98 12.88 6.45
C ALA C 80 -10.53 12.44 6.29
N ASP C 81 -10.36 11.27 5.65
CA ASP C 81 -9.06 10.66 5.42
C ASP C 81 -8.79 10.64 3.92
N TYR C 82 -7.55 10.98 3.54
CA TYR C 82 -7.12 10.96 2.15
C TYR C 82 -5.88 10.06 2.08
N PHE C 83 -6.07 8.81 1.66
CA PHE C 83 -5.01 7.81 1.63
C PHE C 83 -4.66 7.48 0.19
N CYS C 84 -3.37 7.47 -0.18
CA CYS C 84 -2.88 6.98 -1.50
C CYS C 84 -3.55 7.69 -2.70
N ASN C 85 -3.96 8.96 -2.59
CA ASN C 85 -4.53 9.75 -3.73
C ASN C 85 -3.37 10.50 -4.38
N SER C 86 -2.47 9.83 -5.11
CA SER C 86 -1.24 10.44 -5.67
C SER C 86 -1.55 11.38 -6.83
N ARG C 87 -0.61 12.24 -7.25
CA ARG C 87 -0.73 13.12 -8.45
C ARG C 87 0.57 13.01 -9.23
N ASP C 88 1.37 11.97 -9.05
CA ASP C 88 2.73 11.86 -9.65
C ASP C 88 2.76 11.83 -11.17
N THR C 89 3.96 11.99 -11.71
CA THR C 89 4.21 11.83 -13.15
C THR C 89 5.46 10.96 -13.16
N THR C 90 5.33 9.66 -13.39
CA THR C 90 6.49 8.73 -13.30
C THR C 90 6.83 8.15 -14.66
N GLY C 91 8.08 7.72 -14.90
CA GLY C 91 8.45 6.97 -16.09
C GLY C 91 9.93 6.86 -16.28
N ASN C 92 10.40 6.73 -17.52
CA ASN C 92 11.84 6.64 -17.85
C ASN C 92 12.06 7.77 -18.84
N LEU C 93 13.30 8.10 -19.18
CA LEU C 93 13.63 9.11 -20.21
C LEU C 93 12.82 10.39 -19.88
N TRP C 94 12.07 11.03 -20.82
CA TRP C 94 11.50 12.36 -20.68
C TRP C 94 10.21 12.35 -19.87
N VAL C 95 10.25 12.96 -18.69
CA VAL C 95 9.10 13.02 -17.80
C VAL C 95 8.85 14.47 -17.43
N PHE C 96 7.67 15.01 -17.71
CA PHE C 96 7.34 16.42 -17.41
C PHE C 96 6.21 16.35 -16.41
N GLY C 97 6.41 16.76 -15.16
CA GLY C 97 5.37 16.58 -14.14
C GLY C 97 4.67 17.87 -13.75
N GLY C 98 3.47 17.80 -13.19
CA GLY C 98 2.63 18.92 -12.72
C GLY C 98 2.14 19.77 -13.87
N GLY C 99 1.84 21.05 -13.63
CA GLY C 99 1.42 21.97 -14.69
C GLY C 99 2.62 22.55 -15.39
N THR C 100 3.41 21.68 -16.03
CA THR C 100 4.60 22.09 -16.79
C THR C 100 4.10 22.91 -17.97
N LYS C 101 4.42 24.21 -18.01
CA LYS C 101 4.06 25.04 -19.17
C LYS C 101 5.25 24.94 -20.12
N LEU C 102 5.10 24.25 -21.25
CA LEU C 102 6.21 24.02 -22.20
C LEU C 102 5.90 24.76 -23.50
N THR C 103 6.91 25.39 -24.13
CA THR C 103 6.75 26.12 -25.42
C THR C 103 7.98 25.83 -26.28
N PRO D 10 11.25 1.39 -29.66
CA PRO D 10 10.89 1.75 -28.28
C PRO D 10 10.10 0.63 -27.59
N LEU D 11 10.71 -0.04 -26.64
CA LEU D 11 10.01 -1.08 -25.89
C LEU D 11 9.89 -0.55 -24.48
N GLY D 12 8.79 -0.79 -23.78
CA GLY D 12 8.78 -0.53 -22.34
C GLY D 12 7.69 -1.33 -21.69
N GLN D 13 7.90 -1.67 -20.43
CA GLN D 13 7.04 -2.58 -19.63
C GLN D 13 6.61 -1.80 -18.39
N THR D 14 5.36 -1.37 -18.29
CA THR D 14 4.84 -0.53 -17.22
C THR D 14 3.86 -1.32 -16.36
N VAL D 15 4.05 -1.25 -15.05
CA VAL D 15 3.12 -1.81 -14.08
C VAL D 15 2.73 -0.67 -13.15
N ARG D 16 1.47 -0.25 -13.14
CA ARG D 16 0.96 0.79 -12.22
C ARG D 16 0.00 0.11 -11.26
N ILE D 17 0.28 0.00 -9.97
CA ILE D 17 -0.67 -0.58 -8.99
C ILE D 17 -0.95 0.48 -7.93
N THR D 18 -2.16 1.02 -7.79
CA THR D 18 -2.40 2.12 -6.81
C THR D 18 -2.33 1.57 -5.38
N CYS D 19 -2.90 0.41 -5.05
CA CYS D 19 -2.83 -0.21 -3.71
C CYS D 19 -2.46 -1.68 -3.92
N GLN D 20 -1.48 -2.26 -3.25
CA GLN D 20 -1.21 -3.71 -3.32
C GLN D 20 -1.87 -4.30 -2.10
N GLY D 21 -2.54 -3.46 -1.29
CA GLY D 21 -3.04 -3.89 0.01
C GLY D 21 -4.52 -3.78 0.24
N ASP D 22 -4.96 -4.29 1.36
CA ASP D 22 -6.33 -4.31 1.85
C ASP D 22 -6.70 -2.93 2.36
N SER D 23 -7.86 -2.41 1.99
CA SER D 23 -8.31 -1.03 2.32
C SER D 23 -9.62 -1.06 3.11
N LEU D 24 -9.63 -0.72 4.40
CA LEU D 24 -10.83 -0.81 5.25
C LEU D 24 -11.12 0.52 5.96
N ARG D 25 -12.37 0.83 6.29
CA ARG D 25 -12.67 2.01 7.13
C ARG D 25 -12.62 1.55 8.59
N THR D 26 -13.11 0.35 8.93
CA THR D 26 -13.16 -0.14 10.30
C THR D 26 -12.85 -1.63 10.34
N TYR D 27 -11.96 -2.02 11.25
CA TYR D 27 -11.67 -3.44 11.49
C TYR D 27 -11.68 -3.66 13.00
N TYR D 28 -12.60 -4.50 13.46
CA TYR D 28 -12.63 -4.97 14.85
C TYR D 28 -12.38 -6.47 14.82
N GLY D 29 -11.31 -6.88 15.48
CA GLY D 29 -11.02 -8.30 15.63
C GLY D 29 -9.60 -8.68 15.43
N ASN D 30 -9.37 -9.95 15.15
CA ASN D 30 -8.03 -10.51 15.04
C ASN D 30 -7.72 -10.82 13.59
N TRP D 31 -6.52 -10.47 13.14
CA TRP D 31 -6.09 -10.62 11.76
C TRP D 31 -4.80 -11.43 11.72
N TYR D 32 -4.90 -12.68 11.27
CA TYR D 32 -3.73 -13.51 11.01
C TYR D 32 -3.38 -13.37 9.54
N GLN D 33 -2.20 -12.82 9.26
CA GLN D 33 -1.85 -12.41 7.90
C GLN D 33 -0.48 -12.93 7.54
N GLN D 34 -0.40 -13.63 6.41
CA GLN D 34 0.86 -14.13 5.86
C GLN D 34 0.93 -13.66 4.41
N LYS D 35 1.73 -12.62 4.16
CA LYS D 35 1.87 -12.02 2.83
C LYS D 35 3.36 -11.93 2.53
N PRO D 36 3.98 -13.05 2.18
CA PRO D 36 5.41 -13.07 1.88
C PRO D 36 5.90 -11.98 0.93
N GLY D 37 5.34 -11.91 -0.27
CA GLY D 37 5.96 -11.18 -1.37
C GLY D 37 5.22 -9.91 -1.75
N GLN D 38 5.93 -8.78 -1.65
CA GLN D 38 5.45 -7.52 -2.23
C GLN D 38 6.59 -6.80 -2.95
N ALA D 39 7.51 -7.55 -3.54
CA ALA D 39 8.76 -7.01 -4.11
C ALA D 39 8.75 -6.96 -5.65
N PRO D 40 8.62 -5.79 -6.30
CA PRO D 40 8.71 -5.74 -7.76
C PRO D 40 10.13 -6.14 -8.19
N LEU D 41 10.24 -7.15 -8.99
CA LEU D 41 11.56 -7.62 -9.48
C LEU D 41 11.62 -7.09 -10.91
N LEU D 42 12.59 -6.18 -11.30
CA LEU D 42 12.74 -5.62 -12.66
C LEU D 42 14.06 -6.18 -13.19
N VAL D 43 14.06 -7.14 -14.12
CA VAL D 43 15.29 -7.81 -14.62
C VAL D 43 15.36 -7.80 -16.15
N ILE D 44 16.26 -7.04 -16.76
CA ILE D 44 16.36 -6.93 -18.24
C ILE D 44 16.86 -8.21 -18.90
N TYR D 45 17.87 -8.86 -18.35
CA TYR D 45 18.40 -10.14 -18.84
C TYR D 45 18.47 -11.03 -17.62
N ALA D 46 17.88 -12.22 -17.66
CA ALA D 46 17.93 -13.15 -16.52
C ALA D 46 18.57 -14.47 -16.96
N PHE D 58 9.17 -20.15 2.39
CA PHE D 58 8.36 -19.53 3.45
C PHE D 58 7.76 -20.64 4.28
N SER D 59 8.48 -21.11 5.30
CA SER D 59 7.98 -22.12 6.26
C SER D 59 7.54 -21.34 7.50
N GLY D 60 7.21 -20.05 7.36
CA GLY D 60 6.82 -19.19 8.48
C GLY D 60 5.49 -19.66 9.02
N SER D 61 5.32 -19.64 10.36
CA SER D 61 4.09 -20.11 11.03
C SER D 61 3.57 -19.11 12.06
N ILE D 62 2.26 -18.92 12.19
CA ILE D 62 1.63 -18.12 13.27
C ILE D 62 0.95 -19.24 14.05
N SER D 63 1.41 -19.67 15.24
CA SER D 63 0.87 -20.89 15.91
C SER D 63 0.73 -20.88 17.44
N GLY D 64 -0.47 -21.11 17.99
CA GLY D 64 -0.66 -21.25 19.47
C GLY D 64 -0.91 -19.94 20.17
N ASN D 65 -1.11 -18.85 19.42
CA ASN D 65 -1.36 -17.50 19.98
C ASN D 65 -2.78 -17.42 20.51
N THR D 66 -3.01 -16.78 21.65
CA THR D 66 -4.36 -16.54 22.22
C THR D 66 -4.74 -15.07 22.09
N ALA D 67 -5.91 -14.76 21.55
CA ALA D 67 -6.37 -13.40 21.25
C ALA D 67 -7.73 -13.18 21.90
N SER D 68 -7.83 -12.36 22.94
CA SER D 68 -9.11 -12.10 23.68
C SER D 68 -9.52 -10.65 23.47
N LEU D 69 -10.63 -10.43 22.86
CA LEU D 69 -11.08 -9.05 22.54
C LEU D 69 -12.51 -8.77 23.02
N THR D 70 -12.77 -7.57 23.56
CA THR D 70 -14.13 -7.14 23.96
C THR D 70 -14.32 -5.62 23.76
N ILE D 71 -15.13 -5.15 22.81
CA ILE D 71 -15.44 -3.70 22.59
C ILE D 71 -16.87 -3.47 23.08
N THR D 72 -17.11 -2.74 24.18
CA THR D 72 -18.45 -2.65 24.82
C THR D 72 -19.13 -1.38 24.36
N GLY D 73 -18.41 -0.27 24.41
CA GLY D 73 -18.95 1.02 23.98
C GLY D 73 -18.10 1.47 22.82
N ALA D 74 -18.70 1.66 21.66
CA ALA D 74 -17.97 2.23 20.51
C ALA D 74 -18.94 3.19 19.87
N GLN D 75 -18.51 4.41 19.59
CA GLN D 75 -19.31 5.37 18.82
C GLN D 75 -18.28 5.87 17.82
N ALA D 76 -18.60 5.91 16.55
CA ALA D 76 -17.64 6.33 15.51
C ALA D 76 -18.46 7.23 14.61
N GLU D 77 -18.58 8.51 14.90
CA GLU D 77 -19.23 9.47 13.97
C GLU D 77 -18.08 9.98 13.12
N ASP D 78 -17.73 9.30 12.04
CA ASP D 78 -16.53 9.68 11.25
C ASP D 78 -16.94 10.35 9.95
N GLU D 79 -15.98 11.00 9.29
CA GLU D 79 -16.23 11.70 8.04
C GLU D 79 -15.77 10.82 6.87
N ALA D 80 -15.88 11.32 5.67
CA ALA D 80 -15.62 10.50 4.48
C ALA D 80 -14.17 10.08 4.30
N ASP D 81 -13.99 8.93 3.64
CA ASP D 81 -12.69 8.34 3.39
C ASP D 81 -12.43 8.35 1.89
N TYR D 82 -11.20 8.71 1.50
CA TYR D 82 -10.79 8.72 0.10
C TYR D 82 -9.55 7.84 -0.02
N PHE D 83 -9.73 6.60 -0.45
CA PHE D 83 -8.65 5.62 -0.51
C PHE D 83 -8.31 5.31 -1.97
N CYS D 84 -7.03 5.32 -2.34
CA CYS D 84 -6.55 4.87 -3.68
C CYS D 84 -7.24 5.59 -4.85
N ASN D 85 -7.67 6.85 -4.72
CA ASN D 85 -8.25 7.66 -5.83
C ASN D 85 -7.11 8.44 -6.49
N SER D 86 -6.22 7.79 -7.23
CA SER D 86 -5.00 8.42 -7.79
C SER D 86 -5.33 9.39 -8.94
N ARG D 87 -4.40 10.25 -9.35
CA ARG D 87 -4.56 11.16 -10.53
C ARG D 87 -3.26 11.08 -11.34
N ASP D 88 -2.44 10.04 -11.18
CA ASP D 88 -1.10 9.97 -11.80
C ASP D 88 -1.08 9.96 -13.31
N THR D 89 0.10 10.15 -13.88
CA THR D 89 0.35 10.02 -15.32
C THR D 89 1.61 9.16 -15.36
N THR D 90 1.49 7.87 -15.61
CA THR D 90 2.66 6.95 -15.55
C THR D 90 2.99 6.40 -16.93
N GLY D 91 4.24 5.99 -17.19
CA GLY D 91 4.60 5.26 -18.41
C GLY D 91 6.08 5.17 -18.62
N ASN D 92 6.54 5.07 -19.86
CA ASN D 92 7.97 5.01 -20.21
C ASN D 92 8.17 6.16 -21.18
N LEU D 93 9.41 6.51 -21.52
CA LEU D 93 9.71 7.55 -22.54
C LEU D 93 8.89 8.81 -22.19
N TRP D 94 8.11 9.45 -23.09
CA TRP D 94 7.53 10.79 -22.92
C TRP D 94 6.26 10.74 -22.10
N VAL D 95 6.30 11.33 -20.91
CA VAL D 95 5.17 11.36 -20.00
C VAL D 95 4.90 12.80 -19.60
N PHE D 96 3.71 13.32 -19.85
CA PHE D 96 3.37 14.73 -19.53
C PHE D 96 2.25 14.62 -18.51
N GLY D 97 2.45 15.01 -17.26
CA GLY D 97 1.43 14.81 -16.22
C GLY D 97 0.73 16.07 -15.81
N GLY D 98 -0.47 15.98 -15.23
CA GLY D 98 -1.31 17.08 -14.73
C GLY D 98 -1.83 17.94 -15.86
N GLY D 99 -2.13 19.21 -15.59
CA GLY D 99 -2.58 20.16 -16.62
C GLY D 99 -1.39 20.76 -17.34
N THR D 100 -0.61 19.91 -18.00
CA THR D 100 0.58 20.35 -18.77
C THR D 100 0.04 21.19 -19.91
N LYS D 101 0.35 22.49 -19.93
CA LYS D 101 -0.03 23.35 -21.08
C LYS D 101 1.15 23.27 -22.05
N LEU D 102 0.99 22.61 -23.18
CA LEU D 102 2.09 22.40 -24.16
C LEU D 102 1.76 23.17 -25.44
N THR D 103 2.75 23.81 -26.07
CA THR D 103 2.57 24.57 -27.33
C THR D 103 3.80 24.31 -28.21
N PRO E 10 7.30 -0.02 -32.11
CA PRO E 10 6.95 0.31 -30.71
C PRO E 10 6.18 -0.82 -30.04
N LEU E 11 6.82 -1.51 -29.11
CA LEU E 11 6.14 -2.57 -28.37
C LEU E 11 6.03 -2.08 -26.95
N GLY E 12 4.94 -2.34 -26.24
CA GLY E 12 4.94 -2.10 -24.80
C GLY E 12 3.88 -2.93 -24.15
N GLN E 13 4.09 -3.30 -22.90
CA GLN E 13 3.25 -4.23 -22.11
C GLN E 13 2.83 -3.47 -20.85
N THR E 14 1.58 -3.06 -20.72
CA THR E 14 1.06 -2.25 -19.64
C THR E 14 0.11 -3.07 -18.79
N VAL E 15 0.31 -3.03 -17.47
CA VAL E 15 -0.61 -3.61 -16.51
C VAL E 15 -1.00 -2.50 -15.54
N ARG E 16 -2.26 -2.09 -15.51
CA ARG E 16 -2.77 -1.06 -14.57
C ARG E 16 -3.71 -1.79 -13.62
N ILE E 17 -3.41 -1.91 -12.33
CA ILE E 17 -4.34 -2.52 -11.33
C ILE E 17 -4.62 -1.48 -10.25
N THR E 18 -5.83 -0.97 -10.09
CA THR E 18 -6.08 0.10 -9.09
C THR E 18 -5.98 -0.46 -7.66
N CYS E 19 -6.55 -1.64 -7.37
CA CYS E 19 -6.43 -2.28 -6.03
C CYS E 19 -6.06 -3.74 -6.28
N GLN E 20 -5.06 -4.33 -5.62
CA GLN E 20 -4.77 -5.78 -5.72
C GLN E 20 -5.42 -6.39 -4.50
N GLY E 21 -6.09 -5.58 -3.68
CA GLY E 21 -6.56 -6.03 -2.38
C GLY E 21 -8.04 -5.95 -2.13
N ASP E 22 -8.46 -6.49 -1.00
CA ASP E 22 -9.83 -6.54 -0.50
C ASP E 22 -10.20 -5.17 0.04
N SER E 23 -11.39 -4.65 -0.32
CA SER E 23 -11.85 -3.29 0.04
C SER E 23 -13.14 -3.35 0.84
N LEU E 24 -13.13 -3.03 2.15
CA LEU E 24 -14.34 -3.14 3.02
C LEU E 24 -14.63 -1.84 3.75
N ARG E 25 -15.87 -1.55 4.11
CA ARG E 25 -16.18 -0.38 4.97
C ARG E 25 -16.10 -0.87 6.43
N THR E 26 -16.58 -2.08 6.75
CA THR E 26 -16.60 -2.60 8.11
C THR E 26 -16.27 -4.09 8.11
N TYR E 27 -15.37 -4.49 9.00
CA TYR E 27 -15.06 -5.91 9.22
C TYR E 27 -15.05 -6.15 10.72
N TYR E 28 -15.96 -7.03 11.17
CA TYR E 28 -15.97 -7.52 12.55
C TYR E 28 -15.69 -9.02 12.49
N GLY E 29 -14.61 -9.42 13.13
CA GLY E 29 -14.31 -10.84 13.24
C GLY E 29 -12.88 -11.21 13.02
N ASN E 30 -12.65 -12.46 12.71
CA ASN E 30 -11.29 -13.00 12.58
C ASN E 30 -11.01 -13.29 11.11
N TRP E 31 -9.81 -12.91 10.67
CA TRP E 31 -9.40 -13.02 9.27
C TRP E 31 -8.10 -13.83 9.20
N TYR E 32 -8.19 -15.06 8.73
CA TYR E 32 -7.01 -15.86 8.43
C TYR E 32 -6.68 -15.70 6.95
N GLN E 33 -5.52 -15.14 6.68
CA GLN E 33 -5.18 -14.69 5.34
C GLN E 33 -3.80 -15.18 4.94
N GLN E 34 -3.74 -15.86 3.80
CA GLN E 34 -2.47 -16.34 3.23
C GLN E 34 -2.43 -15.84 1.78
N LYS E 35 -1.66 -14.78 1.54
CA LYS E 35 -1.54 -14.16 0.22
C LYS E 35 -0.04 -14.05 -0.08
N PRO E 36 0.57 -15.15 -0.48
CA PRO E 36 2.02 -15.15 -0.79
C PRO E 36 2.47 -14.04 -1.72
N GLY E 37 1.91 -13.94 -2.92
CA GLY E 37 2.50 -13.18 -4.01
C GLY E 37 1.74 -11.92 -4.35
N GLN E 38 2.44 -10.79 -4.24
CA GLN E 38 1.95 -9.52 -4.79
C GLN E 38 3.07 -8.78 -5.50
N ALA E 39 3.98 -9.51 -6.13
CA ALA E 39 5.21 -8.93 -6.71
C ALA E 39 5.19 -8.85 -8.24
N PRO E 40 5.04 -7.68 -8.87
CA PRO E 40 5.11 -7.60 -10.32
C PRO E 40 6.53 -7.97 -10.78
N LEU E 41 6.64 -8.95 -11.60
CA LEU E 41 7.95 -9.41 -12.11
C LEU E 41 8.00 -8.85 -13.53
N LEU E 42 8.94 -7.93 -13.92
CA LEU E 42 9.08 -7.32 -15.27
C LEU E 42 10.41 -7.88 -15.82
N VAL E 43 10.39 -8.82 -16.77
CA VAL E 43 11.63 -9.46 -17.30
C VAL E 43 11.68 -9.42 -18.84
N ILE E 44 12.57 -8.64 -19.43
CA ILE E 44 12.65 -8.50 -20.92
C ILE E 44 13.15 -9.76 -21.62
N TYR E 45 14.17 -10.40 -21.07
CA TYR E 45 14.71 -11.67 -21.61
C TYR E 45 14.81 -12.58 -20.40
N ALA E 46 14.24 -13.77 -20.45
CA ALA E 46 14.30 -14.73 -19.33
C ALA E 46 14.96 -16.03 -19.81
N PHE E 58 5.85 -22.20 -0.45
CA PHE E 58 5.05 -21.60 0.61
C PHE E 58 4.48 -22.74 1.44
N SER E 59 5.22 -23.22 2.44
CA SER E 59 4.73 -24.25 3.38
C SER E 59 4.30 -23.51 4.64
N GLY E 60 3.97 -22.21 4.53
CA GLY E 60 3.57 -21.38 5.68
C GLY E 60 2.25 -21.86 6.23
N SER E 61 2.10 -21.88 7.56
CA SER E 61 0.89 -22.38 8.24
C SER E 61 0.36 -21.41 9.30
N ILE E 62 -0.94 -21.23 9.44
CA ILE E 62 -1.58 -20.46 10.53
C ILE E 62 -2.23 -21.60 11.32
N SER E 63 -1.75 -22.05 12.49
CA SER E 63 -2.27 -23.29 13.14
C SER E 63 -2.39 -23.31 14.67
N GLY E 64 -3.58 -23.57 15.24
CA GLY E 64 -3.75 -23.74 16.70
C GLY E 64 -4.01 -22.44 17.43
N ASN E 65 -4.22 -21.34 16.71
CA ASN E 65 -4.49 -20.01 17.30
C ASN E 65 -5.90 -19.95 17.84
N THR E 66 -6.14 -19.33 19.00
CA THR E 66 -7.47 -19.12 19.59
C THR E 66 -7.86 -17.66 19.50
N ALA E 67 -9.04 -17.35 18.97
CA ALA E 67 -9.53 -15.99 18.71
C ALA E 67 -10.88 -15.80 19.38
N SER E 68 -10.98 -15.00 20.43
CA SER E 68 -12.25 -14.77 21.19
C SER E 68 -12.69 -13.32 21.02
N LEU E 69 -13.80 -13.09 20.43
CA LEU E 69 -14.27 -11.72 20.14
C LEU E 69 -15.69 -11.47 20.64
N THR E 70 -15.98 -10.28 21.20
CA THR E 70 -17.34 -9.87 21.63
C THR E 70 -17.53 -8.35 21.47
N ILE E 71 -18.36 -7.87 20.54
CA ILE E 71 -18.70 -6.42 20.35
C ILE E 71 -20.11 -6.22 20.86
N THR E 72 -20.35 -5.52 21.98
CA THR E 72 -21.68 -5.45 22.63
C THR E 72 -22.39 -4.18 22.20
N GLY E 73 -21.69 -3.06 22.27
CA GLY E 73 -22.24 -1.77 21.86
C GLY E 73 -21.41 -1.29 20.71
N ALA E 74 -22.02 -1.08 19.56
CA ALA E 74 -21.33 -0.49 18.41
C ALA E 74 -22.30 0.48 17.80
N GLN E 75 -21.89 1.70 17.55
CA GLN E 75 -22.71 2.66 16.78
C GLN E 75 -21.70 3.19 15.79
N ALA E 76 -22.03 3.26 14.52
CA ALA E 76 -21.09 3.71 13.49
C ALA E 76 -21.94 4.61 12.61
N GLU E 77 -22.06 5.90 12.93
CA GLU E 77 -22.74 6.87 12.03
C GLU E 77 -21.61 7.41 11.17
N ASP E 78 -21.25 6.74 10.08
CA ASP E 78 -20.07 7.16 9.28
C ASP E 78 -20.51 7.85 8.00
N GLU E 79 -19.57 8.52 7.34
CA GLU E 79 -19.83 9.24 6.11
C GLU E 79 -19.38 8.39 4.92
N ALA E 80 -19.51 8.91 3.72
CA ALA E 80 -19.26 8.12 2.53
C ALA E 80 -17.80 7.72 2.31
N ASP E 81 -17.62 6.58 1.63
CA ASP E 81 -16.32 6.02 1.35
C ASP E 81 -16.07 6.06 -0.16
N TYR E 82 -14.86 6.44 -0.55
CA TYR E 82 -14.45 6.48 -1.96
C TYR E 82 -13.20 5.61 -2.10
N PHE E 83 -13.38 4.38 -2.56
CA PHE E 83 -12.29 3.42 -2.65
C PHE E 83 -11.96 3.14 -4.12
N CYS E 84 -10.69 3.18 -4.51
CA CYS E 84 -10.22 2.75 -5.86
C CYS E 84 -10.94 3.48 -7.01
N ASN E 85 -11.37 4.74 -6.84
CA ASN E 85 -11.97 5.56 -7.94
C ASN E 85 -10.85 6.36 -8.58
N SER E 86 -9.97 5.74 -9.36
CA SER E 86 -8.76 6.40 -9.92
C SER E 86 -9.12 7.38 -11.04
N ARG E 87 -8.21 8.27 -11.45
CA ARG E 87 -8.39 9.19 -12.61
C ARG E 87 -7.09 9.15 -13.43
N ASP E 88 -6.26 8.12 -13.30
CA ASP E 88 -4.92 8.07 -13.94
C ASP E 88 -4.92 8.10 -15.46
N THR E 89 -3.75 8.30 -16.03
CA THR E 89 -3.52 8.21 -17.48
C THR E 89 -2.26 7.37 -17.56
N THR E 90 -2.36 6.08 -17.82
CA THR E 90 -1.18 5.17 -17.79
C THR E 90 -0.87 4.64 -19.19
N GLY E 91 0.39 4.27 -19.47
CA GLY E 91 0.74 3.57 -20.71
C GLY E 91 2.22 3.49 -20.94
N ASN E 92 2.67 3.42 -22.18
CA ASN E 92 4.10 3.38 -22.55
C ASN E 92 4.28 4.56 -23.51
N LEU E 93 5.51 4.92 -23.85
CA LEU E 93 5.77 5.99 -24.85
C LEU E 93 4.95 7.23 -24.47
N TRP E 94 4.15 7.88 -25.35
CA TRP E 94 3.55 9.20 -25.15
C TRP E 94 2.29 9.12 -24.31
N VAL E 95 2.35 9.69 -23.11
CA VAL E 95 1.22 9.69 -22.18
C VAL E 95 0.95 11.13 -21.76
N PHE E 96 -0.25 11.63 -21.98
CA PHE E 96 -0.61 13.03 -21.63
C PHE E 96 -1.71 12.90 -20.60
N GLY E 97 -1.50 13.25 -19.34
CA GLY E 97 -2.50 13.03 -18.30
C GLY E 97 -3.23 14.26 -17.85
N GLY E 98 -4.41 14.15 -17.26
CA GLY E 98 -5.26 15.23 -16.73
C GLY E 98 -5.79 16.11 -17.84
N GLY E 99 -6.11 17.37 -17.53
CA GLY E 99 -6.60 18.33 -18.55
C GLY E 99 -5.42 18.96 -19.27
N THR E 100 -4.64 18.14 -19.96
CA THR E 100 -3.47 18.60 -20.72
C THR E 100 -4.01 19.47 -21.85
N LYS E 101 -3.73 20.76 -21.85
CA LYS E 101 -4.12 21.64 -22.97
C LYS E 101 -2.95 21.59 -23.95
N LEU E 102 -3.13 20.95 -25.10
CA LEU E 102 -2.04 20.78 -26.09
C LEU E 102 -2.39 21.56 -27.35
N THR E 103 -1.42 22.23 -27.97
CA THR E 103 -1.61 23.01 -29.23
C THR E 103 -0.40 22.78 -30.14
N PRO F 10 3.33 -1.43 -34.53
CA PRO F 10 3.00 -1.13 -33.14
C PRO F 10 2.25 -2.28 -32.46
N LEU F 11 2.92 -2.97 -31.57
CA LEU F 11 2.24 -4.06 -30.84
C LEU F 11 2.16 -3.59 -29.41
N GLY F 12 1.08 -3.89 -28.69
CA GLY F 12 1.09 -3.68 -27.25
C GLY F 12 0.04 -4.53 -26.60
N GLN F 13 0.28 -4.92 -25.36
CA GLN F 13 -0.54 -5.87 -24.58
C GLN F 13 -0.95 -5.15 -23.30
N THR F 14 -2.21 -4.76 -23.15
CA THR F 14 -2.72 -3.97 -22.03
C THR F 14 -3.66 -4.82 -21.19
N VAL F 15 -3.45 -4.79 -19.88
CA VAL F 15 -4.34 -5.41 -18.91
C VAL F 15 -4.73 -4.33 -17.93
N ARG F 16 -6.00 -3.93 -17.87
CA ARG F 16 -6.50 -2.93 -16.91
C ARG F 16 -7.42 -3.68 -15.95
N ILE F 17 -7.11 -3.83 -14.67
CA ILE F 17 -8.02 -4.46 -13.68
C ILE F 17 -8.31 -3.45 -12.57
N THR F 18 -9.52 -2.95 -12.39
CA THR F 18 -9.76 -1.90 -11.36
C THR F 18 -9.65 -2.50 -9.95
N CYS F 19 -10.18 -3.69 -9.67
CA CYS F 19 -10.06 -4.35 -8.36
C CYS F 19 -9.67 -5.80 -8.63
N GLN F 20 -8.64 -6.39 -7.99
CA GLN F 20 -8.34 -7.83 -8.13
C GLN F 20 -8.97 -8.48 -6.91
N GLY F 21 -9.64 -7.68 -6.07
CA GLY F 21 -10.09 -8.18 -4.77
C GLY F 21 -11.57 -8.10 -4.49
N ASP F 22 -11.97 -8.67 -3.39
CA ASP F 22 -13.33 -8.75 -2.87
C ASP F 22 -13.72 -7.40 -2.30
N SER F 23 -14.91 -6.89 -2.62
CA SER F 23 -15.38 -5.54 -2.23
C SER F 23 -16.66 -5.62 -1.41
N LEU F 24 -16.64 -5.33 -0.10
CA LEU F 24 -17.83 -5.48 0.77
C LEU F 24 -18.13 -4.19 1.53
N ARG F 25 -19.37 -3.92 1.92
CA ARG F 25 -19.68 -2.78 2.81
C ARG F 25 -19.58 -3.30 4.24
N THR F 26 -20.04 -4.52 4.56
CA THR F 26 -20.04 -5.06 5.90
C THR F 26 -19.69 -6.55 5.87
N TYR F 27 -18.77 -6.96 6.73
CA TYR F 27 -18.45 -8.37 6.92
C TYR F 27 -18.43 -8.64 8.42
N TYR F 28 -19.31 -9.54 8.87
CA TYR F 28 -19.29 -10.06 10.24
C TYR F 28 -19.01 -11.55 10.15
N GLY F 29 -17.91 -11.95 10.77
CA GLY F 29 -17.60 -13.37 10.85
C GLY F 29 -16.17 -13.71 10.60
N ASN F 30 -15.91 -14.96 10.27
CA ASN F 30 -14.56 -15.47 10.11
C ASN F 30 -14.29 -15.74 8.63
N TRP F 31 -13.10 -15.33 8.18
CA TRP F 31 -12.71 -15.42 6.78
C TRP F 31 -11.40 -16.20 6.68
N TYR F 32 -11.48 -17.43 6.18
CA TYR F 32 -10.30 -18.22 5.86
C TYR F 32 -9.99 -18.02 4.38
N GLN F 33 -8.83 -17.43 4.10
CA GLN F 33 -8.52 -16.96 2.77
C GLN F 33 -7.14 -17.44 2.34
N GLN F 34 -7.08 -18.10 1.18
CA GLN F 34 -5.82 -18.53 0.59
C GLN F 34 -5.80 -18.01 -0.84
N LYS F 35 -5.04 -16.94 -1.07
CA LYS F 35 -4.94 -16.29 -2.38
C LYS F 35 -3.45 -16.15 -2.71
N PRO F 36 -2.82 -17.25 -3.13
CA PRO F 36 -1.39 -17.22 -3.45
C PRO F 36 -0.96 -16.08 -4.37
N GLY F 37 -1.53 -15.97 -5.56
CA GLY F 37 -0.97 -15.19 -6.65
C GLY F 37 -1.75 -13.93 -6.96
N GLN F 38 -1.07 -12.78 -6.83
CA GLN F 38 -1.58 -11.52 -7.35
C GLN F 38 -0.47 -10.74 -8.07
N ALA F 39 0.44 -11.45 -8.71
CA ALA F 39 1.67 -10.85 -9.29
C ALA F 39 1.62 -10.74 -10.81
N PRO F 40 1.45 -9.55 -11.43
CA PRO F 40 1.50 -9.45 -12.87
C PRO F 40 2.91 -9.79 -13.36
N LEU F 41 3.04 -10.76 -14.19
CA LEU F 41 4.35 -11.19 -14.74
C LEU F 41 4.36 -10.61 -16.15
N LEU F 42 5.29 -9.66 -16.52
CA LEU F 42 5.41 -9.04 -17.87
C LEU F 42 6.73 -9.56 -18.45
N VAL F 43 6.72 -10.48 -19.42
CA VAL F 43 7.96 -11.09 -19.97
C VAL F 43 7.99 -11.03 -21.50
N ILE F 44 8.86 -10.22 -22.09
CA ILE F 44 8.92 -10.06 -23.58
C ILE F 44 9.43 -11.30 -24.30
N TYR F 45 10.47 -11.93 -23.79
CA TYR F 45 11.01 -13.19 -24.36
C TYR F 45 11.14 -14.11 -23.16
N ALA F 46 10.58 -15.31 -23.24
CA ALA F 46 10.67 -16.30 -22.13
C ALA F 46 11.34 -17.58 -22.64
N PHE F 58 2.53 -24.22 -3.30
CA PHE F 58 1.74 -23.65 -2.22
C PHE F 58 1.18 -24.82 -1.41
N SER F 59 1.94 -25.30 -0.43
CA SER F 59 1.48 -26.36 0.51
C SER F 59 1.06 -25.65 1.79
N GLY F 60 0.71 -24.35 1.70
CA GLY F 60 0.31 -23.55 2.87
C GLY F 60 -0.99 -24.06 3.43
N SER F 61 -1.13 -24.11 4.76
CA SER F 61 -2.33 -24.64 5.44
C SER F 61 -2.85 -23.68 6.53
N ILE F 62 -4.15 -23.53 6.68
CA ILE F 62 -4.79 -22.78 7.81
C ILE F 62 -5.42 -23.96 8.57
N SER F 63 -4.92 -24.41 9.74
CA SER F 63 -5.41 -25.67 10.36
C SER F 63 -5.53 -25.72 11.89
N GLY F 64 -6.69 -26.00 12.47
CA GLY F 64 -6.85 -26.21 13.92
C GLY F 64 -7.11 -24.93 14.69
N ASN F 65 -7.35 -23.83 13.99
CA ASN F 65 -7.62 -22.50 14.61
C ASN F 65 -9.03 -22.48 15.17
N THR F 66 -9.25 -21.88 16.35
CA THR F 66 -10.58 -21.69 16.96
C THR F 66 -10.99 -20.23 16.90
N ALA F 67 -12.19 -19.93 16.39
CA ALA F 67 -12.68 -18.58 16.16
C ALA F 67 -14.03 -18.41 16.85
N SER F 68 -14.13 -17.62 17.93
CA SER F 68 -15.39 -17.43 18.69
C SER F 68 -15.85 -15.99 18.56
N LEU F 69 -16.97 -15.76 17.98
CA LEU F 69 -17.46 -14.39 17.72
C LEU F 69 -18.89 -14.16 18.24
N THR F 70 -19.17 -12.98 18.83
CA THR F 70 -20.53 -12.60 19.29
C THR F 70 -20.74 -11.08 19.16
N ILE F 71 -21.59 -10.60 18.24
CA ILE F 71 -21.94 -9.14 18.08
C ILE F 71 -23.37 -8.96 18.62
N THR F 72 -23.60 -8.29 19.75
CA THR F 72 -24.92 -8.26 20.41
C THR F 72 -25.64 -6.98 20.04
N GLY F 73 -24.95 -5.86 20.11
CA GLY F 73 -25.52 -4.57 19.73
C GLY F 73 -24.72 -4.06 18.57
N ALA F 74 -25.34 -3.83 17.44
CA ALA F 74 -24.66 -3.21 16.30
C ALA F 74 -25.67 -2.24 15.71
N GLN F 75 -25.26 -1.00 15.48
CA GLN F 75 -26.11 -0.03 14.75
C GLN F 75 -25.11 0.52 13.76
N ALA F 76 -25.46 0.61 12.49
CA ALA F 76 -24.54 1.09 11.45
C ALA F 76 -25.41 2.00 10.61
N GLU F 77 -25.54 3.28 10.95
CA GLU F 77 -26.23 4.25 10.08
C GLU F 77 -25.12 4.83 9.22
N ASP F 78 -24.78 4.19 8.11
CA ASP F 78 -23.61 4.63 7.31
C ASP F 78 -24.07 5.34 6.05
N GLU F 79 -23.15 6.04 5.39
CA GLU F 79 -23.44 6.77 4.17
C GLU F 79 -22.98 5.96 2.96
N ALA F 80 -23.13 6.50 1.78
CA ALA F 80 -22.89 5.74 0.56
C ALA F 80 -21.43 5.35 0.32
N ASP F 81 -21.24 4.24 -0.38
CA ASP F 81 -19.93 3.69 -0.70
C ASP F 81 -19.72 3.76 -2.20
N TYR F 82 -18.51 4.16 -2.60
CA TYR F 82 -18.12 4.24 -4.01
C TYR F 82 -16.86 3.38 -4.18
N PHE F 83 -17.03 2.16 -4.66
CA PHE F 83 -15.94 1.21 -4.79
C PHE F 83 -15.63 0.96 -6.26
N CYS F 84 -14.36 1.03 -6.67
CA CYS F 84 -13.90 0.63 -8.03
C CYS F 84 -14.63 1.37 -9.16
N ASN F 85 -15.08 2.63 -8.96
CA ASN F 85 -15.71 3.46 -10.03
C ASN F 85 -14.60 4.29 -10.68
N SER F 86 -13.72 3.69 -11.47
CA SER F 86 -12.53 4.37 -12.04
C SER F 86 -12.91 5.38 -13.13
N ARG F 87 -12.02 6.28 -13.54
CA ARG F 87 -12.22 7.22 -14.67
C ARG F 87 -10.94 7.21 -15.51
N ASP F 88 -10.09 6.19 -15.41
CA ASP F 88 -8.75 6.18 -16.08
C ASP F 88 -8.78 6.22 -17.59
N THR F 89 -7.61 6.46 -18.17
CA THR F 89 -7.40 6.39 -19.63
C THR F 89 -6.13 5.57 -19.73
N THR F 90 -6.22 4.27 -20.02
CA THR F 90 -5.03 3.38 -20.02
C THR F 90 -4.72 2.89 -21.44
N GLY F 91 -3.47 2.53 -21.74
CA GLY F 91 -3.12 1.86 -22.99
C GLY F 91 -1.65 1.82 -23.24
N ASN F 92 -1.21 1.77 -24.49
CA ASN F 92 0.22 1.75 -24.87
C ASN F 92 0.36 2.95 -25.82
N LEU F 93 1.59 3.34 -26.17
CA LEU F 93 1.83 4.43 -27.15
C LEU F 93 0.99 5.65 -26.72
N TRP F 94 0.19 6.30 -27.59
CA TRP F 94 -0.43 7.62 -27.36
C TRP F 94 -1.68 7.51 -26.51
N VAL F 95 -1.62 8.05 -25.30
CA VAL F 95 -2.73 8.02 -24.35
C VAL F 95 -3.03 9.44 -23.90
N PHE F 96 -4.22 9.94 -24.09
CA PHE F 96 -4.59 11.32 -23.72
C PHE F 96 -5.68 11.15 -22.68
N GLY F 97 -5.46 11.50 -21.41
CA GLY F 97 -6.44 11.23 -20.37
C GLY F 97 -7.17 12.46 -19.89
N GLY F 98 -8.35 12.32 -19.28
CA GLY F 98 -9.21 13.38 -18.71
C GLY F 98 -9.77 14.27 -19.80
N GLY F 99 -10.10 15.52 -19.47
CA GLY F 99 -10.60 16.50 -20.46
C GLY F 99 -9.44 17.15 -21.18
N THR F 100 -8.66 16.35 -21.89
CA THR F 100 -7.50 16.84 -22.67
C THR F 100 -8.07 17.72 -23.77
N LYS F 101 -7.80 19.02 -23.74
CA LYS F 101 -8.23 19.91 -24.85
C LYS F 101 -7.07 19.91 -25.84
N LEU F 102 -7.24 19.28 -27.00
CA LEU F 102 -6.16 19.14 -28.01
C LEU F 102 -6.54 19.94 -29.25
N THR F 103 -5.58 20.64 -29.88
CA THR F 103 -5.80 21.44 -31.11
C THR F 103 -4.60 21.24 -32.03
#